data_7QOD
#
_entry.id   7QOD
#
_cell.length_a   94.332
_cell.length_b   94.332
_cell.length_c   80.561
_cell.angle_alpha   90.000
_cell.angle_beta   90.000
_cell.angle_gamma   120.000
#
_symmetry.space_group_name_H-M   'P 63'
#
loop_
_entity.id
_entity.type
_entity.pdbx_description
1 polymer 'Guanosine polyphosphate pyrophosphohydrolases/synthetases'
2 non-polymer 'MANGANESE (II) ION'
3 non-polymer 'TETRAETHYLENE GLYCOL'
4 water water
#
_entity_poly.entity_id   1
_entity_poly.type   'polypeptide(L)'
_entity_poly.pdbx_seq_one_letter_code
;MNTLSPRLRKAMNTAAWAHRHHVRKGGGIPYVSHLYSVMYLLASVTNDEDVLIAGLLHDTLEDVPEEYNSAQLEADFGPR
VRELVEELTKQPLKSWKARADAYLLHLSAGASLEAVLISTADKLHNLMSILDDLEIHGEDLWQRFNAGKEQQIWWYSEVY
QISLQRLGFNELNKQLGLCVEKLLKQSALEHHHHHH
;
_entity_poly.pdbx_strand_id   A,B
#
loop_
_chem_comp.id
_chem_comp.type
_chem_comp.name
_chem_comp.formula
MN non-polymer 'MANGANESE (II) ION' 'Mn 2'
PG4 non-polymer 'TETRAETHYLENE GLYCOL' 'C8 H18 O5'
#
# COMPACT_ATOMS: atom_id res chain seq x y z
N MET A 1 -11.27 10.34 2.15
N MET A 1 -8.47 8.91 1.52
CA MET A 1 -9.99 9.65 2.28
CA MET A 1 -9.55 9.63 2.18
C MET A 1 -9.32 9.96 3.64
C MET A 1 -9.20 9.96 3.62
N ASN A 2 -9.07 8.93 4.46
CA ASN A 2 -8.53 9.14 5.80
C ASN A 2 -7.12 9.70 5.74
N THR A 3 -6.81 10.58 6.70
CA THR A 3 -5.45 11.06 6.80
C THR A 3 -4.54 9.95 7.35
N LEU A 4 -3.26 10.07 7.01
CA LEU A 4 -2.27 9.11 7.48
C LEU A 4 -1.85 9.51 8.88
N SER A 5 -2.57 9.00 9.89
CA SER A 5 -2.36 9.30 11.30
C SER A 5 -1.18 8.53 11.88
N PRO A 6 -0.68 8.95 13.06
CA PRO A 6 0.34 8.14 13.74
C PRO A 6 -0.04 6.68 13.91
N ARG A 7 -1.30 6.44 14.29
CA ARG A 7 -1.78 5.08 14.47
C ARG A 7 -1.86 4.33 13.13
N LEU A 8 -2.29 4.99 12.06
CA LEU A 8 -2.30 4.30 10.78
C LEU A 8 -0.88 4.05 10.30
N ARG A 9 0.04 4.98 10.56
CA ARG A 9 1.44 4.75 10.20
C ARG A 9 2.00 3.55 10.93
N LYS A 10 1.66 3.42 12.21
CA LYS A 10 2.17 2.31 12.99
C LYS A 10 1.61 0.99 12.47
N ALA A 11 0.34 0.99 12.02
CA ALA A 11 -0.22 -0.20 11.43
C ALA A 11 0.48 -0.56 10.13
N MET A 12 0.83 0.46 9.33
CA MET A 12 1.52 0.21 8.07
C MET A 12 2.86 -0.47 8.33
N ASN A 13 3.62 0.06 9.28
CA ASN A 13 4.91 -0.52 9.63
C ASN A 13 4.76 -1.91 10.21
N THR A 14 3.73 -2.13 11.05
CA THR A 14 3.52 -3.41 11.70
C THR A 14 3.19 -4.49 10.68
N ALA A 15 2.30 -4.19 9.74
CA ALA A 15 1.98 -5.12 8.66
C ALA A 15 3.22 -5.47 7.86
N ALA A 16 4.01 -4.45 7.46
CA ALA A 16 5.22 -4.75 6.69
C ALA A 16 6.21 -5.57 7.52
N TRP A 17 6.29 -5.28 8.82
CA TRP A 17 7.22 -6.02 9.69
C TRP A 17 6.78 -7.47 9.85
N ALA A 18 5.52 -7.69 10.21
CA ALA A 18 5.08 -9.04 10.52
C ALA A 18 5.19 -9.96 9.31
N HIS A 19 5.00 -9.41 8.10
CA HIS A 19 5.01 -10.18 6.87
C HIS A 19 6.32 -10.02 6.11
N ARG A 20 7.37 -9.52 6.77
CA ARG A 20 8.59 -9.11 6.07
C ARG A 20 9.20 -10.24 5.23
N HIS A 21 9.11 -11.49 5.71
CA HIS A 21 9.69 -12.59 4.95
C HIS A 21 8.58 -13.49 4.37
N HIS A 22 7.34 -13.00 4.35
CA HIS A 22 6.20 -13.72 3.79
C HIS A 22 6.05 -13.32 2.33
N VAL A 23 5.89 -14.30 1.44
CA VAL A 23 5.77 -14.02 0.01
C VAL A 23 4.46 -14.61 -0.50
N ARG A 24 3.83 -13.92 -1.47
N ARG A 24 3.80 -13.89 -1.42
CA ARG A 24 2.60 -14.39 -2.08
CA ARG A 24 2.59 -14.42 -2.05
C ARG A 24 2.84 -15.70 -2.83
C ARG A 24 2.88 -15.75 -2.74
N LYS A 25 1.89 -16.63 -2.70
CA LYS A 25 2.01 -17.92 -3.35
C LYS A 25 2.17 -17.76 -4.86
N GLY A 26 3.03 -18.59 -5.44
CA GLY A 26 3.19 -18.63 -6.87
C GLY A 26 4.24 -17.69 -7.41
N GLY A 27 4.91 -16.94 -6.56
CA GLY A 27 5.86 -15.96 -7.04
C GLY A 27 6.73 -15.48 -5.92
N GLY A 28 7.40 -14.36 -6.17
CA GLY A 28 8.29 -13.80 -5.17
C GLY A 28 7.84 -12.46 -4.64
N ILE A 29 6.59 -12.08 -4.86
CA ILE A 29 6.13 -10.77 -4.40
C ILE A 29 5.87 -10.77 -2.89
N PRO A 30 6.50 -9.88 -2.14
CA PRO A 30 6.22 -9.80 -0.71
C PRO A 30 4.74 -9.63 -0.43
N TYR A 31 4.26 -10.35 0.59
CA TYR A 31 2.82 -10.41 0.91
C TYR A 31 2.23 -9.04 1.28
N VAL A 32 3.07 -8.12 1.76
CA VAL A 32 2.54 -6.82 2.17
C VAL A 32 1.92 -6.06 1.01
N SER A 33 2.31 -6.37 -0.24
N SER A 33 2.34 -6.36 -0.23
CA SER A 33 1.61 -5.74 -1.37
CA SER A 33 1.65 -5.81 -1.40
C SER A 33 0.12 -6.04 -1.33
C SER A 33 0.15 -6.04 -1.29
N HIS A 34 -0.25 -7.27 -0.96
CA HIS A 34 -1.68 -7.59 -0.83
C HIS A 34 -2.31 -6.80 0.31
N LEU A 35 -1.60 -6.67 1.44
CA LEU A 35 -2.16 -6.01 2.61
C LEU A 35 -2.41 -4.53 2.36
N TYR A 36 -1.42 -3.84 1.76
N TYR A 36 -1.41 -3.87 1.74
CA TYR A 36 -1.65 -2.43 1.49
CA TYR A 36 -1.50 -2.46 1.39
C TYR A 36 -2.68 -2.24 0.38
C TYR A 36 -2.59 -2.22 0.35
N SER A 37 -2.69 -3.11 -0.63
CA SER A 37 -3.76 -3.01 -1.63
C SER A 37 -5.12 -3.12 -0.97
N VAL A 38 -5.29 -4.05 -0.03
CA VAL A 38 -6.56 -4.19 0.68
C VAL A 38 -6.90 -2.93 1.46
N MET A 39 -5.91 -2.34 2.14
CA MET A 39 -6.15 -1.10 2.86
C MET A 39 -6.51 0.05 1.91
N TYR A 40 -5.84 0.13 0.77
CA TYR A 40 -6.16 1.17 -0.22
C TYR A 40 -7.59 1.00 -0.71
N LEU A 41 -8.00 -0.24 -0.99
CA LEU A 41 -9.39 -0.49 -1.37
C LEU A 41 -10.35 -0.05 -0.29
N LEU A 42 -10.08 -0.42 0.96
CA LEU A 42 -10.98 -0.04 2.05
C LEU A 42 -11.06 1.49 2.22
N ALA A 43 -9.95 2.19 2.01
CA ALA A 43 -9.90 3.63 2.09
C ALA A 43 -10.77 4.29 1.05
N SER A 44 -11.13 3.60 -0.03
CA SER A 44 -12.06 4.21 -0.96
C SER A 44 -13.50 4.14 -0.49
N VAL A 45 -13.81 3.34 0.51
CA VAL A 45 -15.22 3.16 0.89
C VAL A 45 -15.51 3.45 2.36
N THR A 46 -14.53 3.52 3.26
CA THR A 46 -14.86 3.81 4.65
C THR A 46 -13.93 4.88 5.21
N ASN A 47 -14.38 5.57 6.25
N ASN A 47 -14.42 5.56 6.25
CA ASN A 47 -13.53 6.46 7.01
CA ASN A 47 -13.63 6.49 7.04
C ASN A 47 -13.18 5.89 8.38
C ASN A 47 -13.27 5.91 8.40
N ASP A 48 -13.56 4.63 8.63
CA ASP A 48 -13.37 4.02 9.94
C ASP A 48 -11.92 3.56 10.03
N GLU A 49 -11.10 4.26 10.82
CA GLU A 49 -9.67 3.91 10.88
C GLU A 49 -9.44 2.49 11.38
N ASP A 50 -10.28 1.99 12.30
CA ASP A 50 -10.10 0.60 12.77
C ASP A 50 -10.25 -0.37 11.60
N VAL A 51 -11.16 -0.07 10.67
CA VAL A 51 -11.33 -0.94 9.52
C VAL A 51 -10.09 -0.92 8.62
N LEU A 52 -9.50 0.26 8.39
CA LEU A 52 -8.26 0.32 7.59
C LEU A 52 -7.16 -0.48 8.26
N ILE A 53 -7.05 -0.35 9.59
CA ILE A 53 -5.98 -1.06 10.31
C ILE A 53 -6.21 -2.56 10.27
N ALA A 54 -7.46 -2.99 10.53
CA ALA A 54 -7.79 -4.40 10.45
C ALA A 54 -7.52 -4.91 9.05
N GLY A 55 -7.79 -4.10 8.03
CA GLY A 55 -7.45 -4.50 6.66
C GLY A 55 -5.95 -4.74 6.49
N LEU A 56 -5.13 -3.83 7.04
CA LEU A 56 -3.67 -4.05 6.97
C LEU A 56 -3.26 -5.33 7.69
N LEU A 57 -3.93 -5.67 8.78
CA LEU A 57 -3.46 -6.75 9.65
C LEU A 57 -4.30 -8.02 9.54
N HIS A 58 -5.18 -8.13 8.53
CA HIS A 58 -6.19 -9.17 8.55
C HIS A 58 -5.62 -10.57 8.37
N ASP A 59 -4.42 -10.72 7.80
CA ASP A 59 -3.84 -12.04 7.65
C ASP A 59 -2.75 -12.35 8.68
N THR A 60 -2.46 -11.44 9.62
CA THR A 60 -1.37 -11.68 10.59
C THR A 60 -1.61 -12.95 11.39
N LEU A 61 -2.79 -13.05 12.02
CA LEU A 61 -3.03 -14.14 12.95
C LEU A 61 -3.05 -15.47 12.22
N GLU A 62 -3.53 -15.48 10.97
CA GLU A 62 -3.63 -16.71 10.19
C GLU A 62 -2.28 -17.12 9.60
N ASP A 63 -1.51 -16.17 9.06
CA ASP A 63 -0.34 -16.50 8.26
C ASP A 63 1.00 -16.32 8.96
N VAL A 64 1.12 -15.36 9.86
CA VAL A 64 2.41 -15.18 10.53
C VAL A 64 2.18 -15.09 12.03
N PRO A 65 1.44 -16.03 12.63
CA PRO A 65 1.19 -15.92 14.07
C PRO A 65 2.45 -15.98 14.91
N GLU A 66 3.53 -16.57 14.41
CA GLU A 66 4.78 -16.59 15.15
C GLU A 66 5.41 -15.20 15.19
N GLU A 67 5.04 -14.32 14.26
CA GLU A 67 5.56 -12.96 14.23
C GLU A 67 4.65 -11.97 14.93
N TYR A 68 3.37 -12.27 15.09
CA TYR A 68 2.44 -11.29 15.60
C TYR A 68 1.16 -11.98 16.01
N ASN A 69 0.83 -11.95 17.29
CA ASN A 69 -0.30 -12.71 17.79
C ASN A 69 -1.44 -11.75 18.20
N SER A 70 -2.58 -12.35 18.59
CA SER A 70 -3.76 -11.53 18.90
C SER A 70 -3.56 -10.69 20.15
N ALA A 71 -2.84 -11.20 21.16
CA ALA A 71 -2.56 -10.38 22.32
C ALA A 71 -1.79 -9.12 21.92
N GLN A 72 -0.88 -9.24 20.97
CA GLN A 72 -0.07 -8.08 20.61
C GLN A 72 -0.89 -7.13 19.75
N LEU A 73 -1.71 -7.68 18.85
CA LEU A 73 -2.64 -6.89 18.06
C LEU A 73 -3.50 -6.01 18.94
N GLU A 74 -4.07 -6.57 20.01
CA GLU A 74 -4.88 -5.78 20.93
C GLU A 74 -4.03 -4.78 21.71
N ALA A 75 -2.84 -5.18 22.20
CA ALA A 75 -2.00 -4.21 22.91
C ALA A 75 -1.69 -3.01 22.02
N ASP A 76 -1.40 -3.26 20.75
CA ASP A 76 -0.99 -2.20 19.83
C ASP A 76 -2.18 -1.38 19.33
N PHE A 77 -3.30 -2.02 19.00
CA PHE A 77 -4.39 -1.34 18.30
C PHE A 77 -5.77 -1.44 18.96
N GLY A 78 -5.88 -2.05 20.13
CA GLY A 78 -7.11 -2.01 20.89
C GLY A 78 -8.02 -3.20 20.57
N PRO A 79 -9.07 -3.39 21.38
CA PRO A 79 -9.90 -4.60 21.21
C PRO A 79 -10.77 -4.61 19.97
N ARG A 80 -11.18 -3.44 19.46
CA ARG A 80 -12.06 -3.46 18.28
C ARG A 80 -11.31 -3.95 17.07
N VAL A 81 -10.07 -3.47 16.87
CA VAL A 81 -9.27 -3.99 15.76
C VAL A 81 -9.07 -5.48 15.92
N ARG A 82 -8.72 -5.93 17.14
CA ARG A 82 -8.50 -7.36 17.35
C ARG A 82 -9.77 -8.16 17.06
N GLU A 83 -10.92 -7.68 17.53
CA GLU A 83 -12.17 -8.37 17.24
C GLU A 83 -12.43 -8.45 15.73
N LEU A 84 -12.17 -7.36 15.00
CA LEU A 84 -12.42 -7.36 13.55
C LEU A 84 -11.56 -8.41 12.85
N VAL A 85 -10.25 -8.44 13.16
CA VAL A 85 -9.38 -9.41 12.54
C VAL A 85 -9.81 -10.83 12.89
N GLU A 86 -10.22 -11.07 14.14
CA GLU A 86 -10.61 -12.42 14.53
C GLU A 86 -11.95 -12.86 13.92
N GLU A 87 -12.78 -11.92 13.47
CA GLU A 87 -14.02 -12.26 12.77
C GLU A 87 -13.78 -13.10 11.52
N LEU A 88 -12.59 -13.02 10.94
CA LEU A 88 -12.28 -13.73 9.70
C LEU A 88 -11.61 -15.09 9.90
N THR A 89 -11.48 -15.57 11.14
CA THR A 89 -10.83 -16.85 11.43
C THR A 89 -11.59 -18.00 10.82
N LYS A 90 -10.85 -19.02 10.38
CA LYS A 90 -11.38 -20.19 9.68
C LYS A 90 -11.66 -21.36 10.62
N GLN A 91 -12.59 -22.21 10.21
CA GLN A 91 -12.81 -23.46 10.94
C GLN A 91 -11.64 -24.41 10.70
N PRO A 92 -11.26 -25.21 11.70
CA PRO A 92 -10.11 -26.13 11.55
C PRO A 92 -10.51 -27.46 10.91
N LEU A 93 -11.05 -27.38 9.70
CA LEU A 93 -11.50 -28.53 8.92
C LEU A 93 -10.53 -28.77 7.77
N LYS A 94 -10.13 -30.02 7.57
CA LYS A 94 -9.20 -30.32 6.49
C LYS A 94 -9.82 -30.02 5.12
N SER A 95 -11.13 -30.16 5.01
CA SER A 95 -11.84 -29.99 3.75
C SER A 95 -11.93 -28.52 3.37
N TRP A 96 -11.40 -28.14 2.21
CA TRP A 96 -11.52 -26.75 1.76
C TRP A 96 -12.99 -26.33 1.63
N LYS A 97 -13.84 -27.20 1.07
CA LYS A 97 -15.24 -26.83 0.84
C LYS A 97 -15.99 -26.65 2.16
N ALA A 98 -15.69 -27.50 3.15
CA ALA A 98 -16.29 -27.34 4.48
C ALA A 98 -15.87 -26.03 5.11
N ARG A 99 -14.57 -25.69 5.08
CA ARG A 99 -14.14 -24.39 5.59
C ARG A 99 -14.81 -23.24 4.84
N ALA A 100 -14.89 -23.36 3.51
CA ALA A 100 -15.51 -22.33 2.68
C ALA A 100 -16.98 -22.16 3.03
N ASP A 101 -17.72 -23.28 3.12
CA ASP A 101 -19.13 -23.25 3.56
C ASP A 101 -19.27 -22.55 4.91
N ALA A 102 -18.41 -22.85 5.88
CA ALA A 102 -18.56 -22.23 7.18
C ALA A 102 -18.27 -20.75 7.12
N TYR A 103 -17.22 -20.36 6.38
CA TYR A 103 -16.87 -18.94 6.29
C TYR A 103 -18.00 -18.14 5.63
N LEU A 104 -18.61 -18.68 4.57
CA LEU A 104 -19.71 -18.00 3.89
C LEU A 104 -20.94 -17.90 4.80
N LEU A 105 -21.25 -18.97 5.53
CA LEU A 105 -22.34 -18.90 6.48
C LEU A 105 -22.12 -17.77 7.48
N HIS A 106 -20.90 -17.64 8.00
CA HIS A 106 -20.59 -16.59 8.98
C HIS A 106 -20.72 -15.22 8.33
N LEU A 107 -20.18 -15.07 7.13
CA LEU A 107 -20.24 -13.78 6.44
C LEU A 107 -21.69 -13.34 6.22
N SER A 108 -22.58 -14.30 6.01
CA SER A 108 -23.96 -13.96 5.68
C SER A 108 -24.77 -13.50 6.88
N ALA A 109 -24.35 -13.82 8.11
CA ALA A 109 -25.17 -13.40 9.24
C ALA A 109 -24.33 -12.89 10.42
N GLY A 110 -23.43 -13.73 10.93
CA GLY A 110 -22.78 -13.41 12.18
C GLY A 110 -21.73 -12.32 12.08
N ALA A 111 -21.07 -12.21 10.94
CA ALA A 111 -20.01 -11.20 10.80
C ALA A 111 -20.61 -9.80 10.86
N SER A 112 -19.88 -8.88 11.50
CA SER A 112 -20.23 -7.46 11.46
C SER A 112 -20.15 -6.91 10.03
N LEU A 113 -20.86 -5.80 9.80
CA LEU A 113 -20.79 -5.19 8.47
C LEU A 113 -19.36 -4.80 8.15
N GLU A 114 -18.61 -4.40 9.18
CA GLU A 114 -17.22 -4.02 8.99
C GLU A 114 -16.40 -5.21 8.53
N ALA A 115 -16.64 -6.39 9.12
CA ALA A 115 -15.88 -7.58 8.71
C ALA A 115 -16.26 -8.03 7.31
N VAL A 116 -17.53 -7.93 6.94
CA VAL A 116 -17.91 -8.20 5.55
C VAL A 116 -17.15 -7.29 4.59
N LEU A 117 -17.07 -5.98 4.90
CA LEU A 117 -16.34 -5.05 4.04
C LEU A 117 -14.86 -5.44 3.91
N ILE A 118 -14.22 -5.76 5.03
CA ILE A 118 -12.81 -6.15 4.96
C ILE A 118 -12.66 -7.41 4.12
N SER A 119 -13.54 -8.37 4.35
CA SER A 119 -13.50 -9.62 3.59
C SER A 119 -13.73 -9.36 2.11
N THR A 120 -14.64 -8.43 1.80
CA THR A 120 -14.84 -8.03 0.39
C THR A 120 -13.58 -7.45 -0.24
N ALA A 121 -12.89 -6.54 0.47
CA ALA A 121 -11.67 -5.97 -0.09
C ALA A 121 -10.59 -7.05 -0.28
N ASP A 122 -10.48 -7.95 0.69
CA ASP A 122 -9.56 -9.08 0.60
C ASP A 122 -9.85 -9.94 -0.61
N LYS A 123 -11.09 -10.38 -0.76
CA LYS A 123 -11.45 -11.26 -1.87
C LYS A 123 -11.33 -10.53 -3.21
N LEU A 124 -11.66 -9.24 -3.23
CA LEU A 124 -11.52 -8.45 -4.45
C LEU A 124 -10.06 -8.38 -4.89
N HIS A 125 -9.13 -8.06 -3.96
CA HIS A 125 -7.75 -7.97 -4.40
C HIS A 125 -7.22 -9.35 -4.79
N ASN A 126 -7.66 -10.41 -4.10
CA ASN A 126 -7.21 -11.75 -4.49
C ASN A 126 -7.70 -12.12 -5.89
N LEU A 127 -8.93 -11.75 -6.23
CA LEU A 127 -9.43 -12.05 -7.57
C LEU A 127 -8.75 -11.18 -8.62
N MET A 128 -8.55 -9.90 -8.33
CA MET A 128 -7.75 -9.07 -9.22
C MET A 128 -6.39 -9.71 -9.47
N SER A 129 -5.77 -10.25 -8.42
CA SER A 129 -4.44 -10.84 -8.59
C SER A 129 -4.51 -12.08 -9.50
N ILE A 130 -5.51 -12.94 -9.28
CA ILE A 130 -5.71 -14.10 -10.16
C ILE A 130 -5.86 -13.66 -11.61
N LEU A 131 -6.67 -12.62 -11.86
CA LEU A 131 -6.91 -12.16 -13.24
C LEU A 131 -5.64 -11.58 -13.86
N ASP A 132 -4.85 -10.82 -13.08
CA ASP A 132 -3.55 -10.32 -13.56
C ASP A 132 -2.65 -11.47 -14.00
N ASP A 133 -2.52 -12.51 -13.15
CA ASP A 133 -1.68 -13.64 -13.51
C ASP A 133 -2.21 -14.35 -14.75
N LEU A 134 -3.53 -14.46 -14.89
CA LEU A 134 -4.12 -15.12 -16.04
C LEU A 134 -3.85 -14.37 -17.34
N GLU A 135 -3.70 -13.04 -17.26
CA GLU A 135 -3.44 -12.25 -18.46
C GLU A 135 -1.96 -12.20 -18.82
N ILE A 136 -1.07 -12.24 -17.83
CA ILE A 136 0.36 -12.16 -18.11
C ILE A 136 0.96 -13.56 -18.31
N HIS A 137 0.51 -14.54 -17.54
CA HIS A 137 1.04 -15.89 -17.61
C HIS A 137 -0.03 -16.88 -18.05
N GLY A 138 -0.91 -16.47 -18.96
CA GLY A 138 -1.92 -17.39 -19.47
C GLY A 138 -1.35 -18.57 -20.23
N GLU A 139 -0.03 -18.59 -20.43
CA GLU A 139 0.63 -19.66 -21.16
C GLU A 139 0.52 -21.00 -20.44
N ASP A 140 0.98 -21.05 -19.18
CA ASP A 140 0.94 -22.28 -18.42
C ASP A 140 0.19 -22.18 -17.09
N LEU A 141 -0.10 -20.98 -16.59
CA LEU A 141 -0.86 -20.87 -15.35
C LEU A 141 -2.30 -21.32 -15.55
N TRP A 142 -2.85 -21.16 -16.75
CA TRP A 142 -4.21 -21.64 -16.97
C TRP A 142 -4.28 -23.15 -16.84
N GLN A 143 -3.21 -23.85 -17.21
CA GLN A 143 -3.15 -25.28 -16.97
C GLN A 143 -3.37 -25.60 -15.49
N ARG A 144 -2.61 -24.94 -14.62
CA ARG A 144 -2.76 -25.16 -13.18
C ARG A 144 -4.12 -24.70 -12.68
N PHE A 145 -4.70 -23.68 -13.30
CA PHE A 145 -5.94 -23.10 -12.80
C PHE A 145 -7.16 -23.89 -13.26
N ASN A 146 -7.09 -24.52 -14.44
CA ASN A 146 -8.25 -25.25 -14.99
C ASN A 146 -8.86 -26.21 -13.98
N ALA A 147 -8.02 -26.98 -13.28
CA ALA A 147 -8.53 -28.05 -12.43
C ALA A 147 -9.36 -27.52 -11.26
N GLY A 148 -9.17 -26.26 -10.88
CA GLY A 148 -9.88 -25.71 -9.74
C GLY A 148 -10.72 -24.49 -10.08
N LYS A 149 -10.85 -24.18 -11.36
CA LYS A 149 -11.60 -22.99 -11.79
C LYS A 149 -13.05 -23.04 -11.33
N GLU A 150 -13.64 -24.23 -11.28
CA GLU A 150 -15.01 -24.35 -10.79
C GLU A 150 -15.10 -23.94 -9.32
N GLN A 151 -14.15 -24.41 -8.48
CA GLN A 151 -14.07 -23.97 -7.10
C GLN A 151 -13.92 -22.46 -7.01
N GLN A 152 -13.07 -21.88 -7.86
CA GLN A 152 -12.80 -20.45 -7.81
C GLN A 152 -14.04 -19.64 -8.19
N ILE A 153 -14.70 -20.05 -9.28
CA ILE A 153 -15.91 -19.34 -9.72
C ILE A 153 -16.98 -19.40 -8.64
N TRP A 154 -17.22 -20.59 -8.09
CA TRP A 154 -18.17 -20.72 -6.98
C TRP A 154 -17.78 -19.80 -5.82
N TRP A 155 -16.51 -19.87 -5.39
CA TRP A 155 -16.06 -19.11 -4.22
C TRP A 155 -16.27 -17.61 -4.41
N TYR A 156 -15.76 -17.05 -5.51
CA TYR A 156 -15.83 -15.60 -5.67
C TYR A 156 -17.26 -15.13 -5.94
N SER A 157 -18.05 -15.91 -6.68
CA SER A 157 -19.41 -15.48 -6.92
C SER A 157 -20.27 -15.60 -5.68
N GLU A 158 -19.96 -16.57 -4.78
CA GLU A 158 -20.72 -16.64 -3.53
C GLU A 158 -20.32 -15.51 -2.59
N VAL A 159 -19.03 -15.21 -2.51
CA VAL A 159 -18.64 -14.08 -1.68
C VAL A 159 -19.31 -12.82 -2.20
N TYR A 160 -19.34 -12.66 -3.52
CA TYR A 160 -19.96 -11.49 -4.10
C TYR A 160 -21.44 -11.40 -3.71
N GLN A 161 -22.18 -12.52 -3.79
CA GLN A 161 -23.62 -12.43 -3.49
C GLN A 161 -23.82 -12.06 -2.02
N ILE A 162 -23.02 -12.65 -1.13
CA ILE A 162 -23.19 -12.30 0.28
C ILE A 162 -22.83 -10.85 0.53
N SER A 163 -21.73 -10.38 -0.06
CA SER A 163 -21.31 -9.00 0.14
C SER A 163 -22.38 -8.03 -0.36
N LEU A 164 -22.93 -8.31 -1.53
CA LEU A 164 -23.96 -7.46 -2.10
C LEU A 164 -25.18 -7.45 -1.20
N GLN A 165 -25.59 -8.63 -0.71
CA GLN A 165 -26.79 -8.70 0.10
C GLN A 165 -26.63 -7.90 1.39
N ARG A 166 -25.43 -7.97 2.00
CA ARG A 166 -25.20 -7.27 3.26
C ARG A 166 -24.91 -5.81 3.09
N LEU A 167 -24.18 -5.43 2.03
CA LEU A 167 -23.65 -4.07 1.91
C LEU A 167 -24.26 -3.25 0.77
N GLY A 168 -24.88 -3.87 -0.23
CA GLY A 168 -25.36 -3.08 -1.35
C GLY A 168 -24.22 -2.76 -2.29
N PHE A 169 -24.51 -1.92 -3.27
CA PHE A 169 -23.55 -1.62 -4.35
C PHE A 169 -22.56 -0.52 -3.96
N ASN A 170 -21.74 -0.79 -2.97
CA ASN A 170 -20.63 0.15 -2.72
C ASN A 170 -19.55 -0.04 -3.78
N GLU A 171 -18.48 0.78 -3.70
CA GLU A 171 -17.47 0.76 -4.75
C GLU A 171 -16.80 -0.61 -4.88
N LEU A 172 -16.62 -1.30 -3.76
CA LEU A 172 -15.89 -2.57 -3.82
C LEU A 172 -16.76 -3.68 -4.40
N ASN A 173 -18.07 -3.66 -4.12
CA ASN A 173 -18.97 -4.64 -4.71
C ASN A 173 -19.18 -4.39 -6.22
N LYS A 174 -19.21 -3.13 -6.66
CA LYS A 174 -19.25 -2.84 -8.09
C LYS A 174 -18.07 -3.48 -8.80
N GLN A 175 -16.86 -3.34 -8.23
CA GLN A 175 -15.67 -3.94 -8.81
C GLN A 175 -15.66 -5.46 -8.66
N LEU A 176 -16.08 -5.99 -7.51
CA LEU A 176 -16.05 -7.43 -7.31
C LEU A 176 -16.98 -8.14 -8.29
N GLY A 177 -18.21 -7.64 -8.43
CA GLY A 177 -19.10 -8.18 -9.46
C GLY A 177 -18.43 -8.23 -10.81
N LEU A 178 -17.76 -7.15 -11.20
CA LEU A 178 -17.10 -7.12 -12.50
C LEU A 178 -16.00 -8.18 -12.57
N CYS A 179 -15.18 -8.28 -11.52
CA CYS A 179 -14.10 -9.25 -11.55
C CYS A 179 -14.65 -10.67 -11.66
N VAL A 180 -15.80 -10.94 -11.00
CA VAL A 180 -16.39 -12.28 -11.13
C VAL A 180 -16.80 -12.55 -12.58
N GLU A 181 -17.44 -11.57 -13.23
CA GLU A 181 -17.83 -11.79 -14.62
C GLU A 181 -16.59 -11.88 -15.51
N LYS A 182 -15.50 -11.17 -15.16
CA LYS A 182 -14.27 -11.29 -15.93
C LYS A 182 -13.67 -12.69 -15.79
N LEU A 183 -13.71 -13.25 -14.59
CA LEU A 183 -13.29 -14.63 -14.39
C LEU A 183 -14.09 -15.58 -15.28
N LEU A 184 -15.41 -15.34 -15.38
CA LEU A 184 -16.26 -16.15 -16.25
C LEU A 184 -15.84 -16.03 -17.71
N LYS A 185 -15.58 -14.81 -18.17
CA LYS A 185 -15.16 -14.67 -19.55
C LYS A 185 -13.85 -15.39 -19.80
N GLN A 186 -12.98 -15.46 -18.78
CA GLN A 186 -11.71 -16.17 -18.95
C GLN A 186 -11.93 -17.67 -19.07
N SER A 187 -12.82 -18.23 -18.24
CA SER A 187 -13.27 -19.60 -18.42
C SER A 187 -13.96 -19.79 -19.77
N ALA A 188 -14.69 -18.78 -20.24
CA ALA A 188 -15.38 -18.91 -21.51
C ALA A 188 -14.40 -18.93 -22.68
N LEU A 189 -13.45 -17.99 -22.68
CA LEU A 189 -12.50 -17.91 -23.78
C LEU A 189 -11.67 -19.19 -23.89
N GLU A 190 -11.43 -19.88 -22.77
CA GLU A 190 -10.67 -21.12 -22.81
C GLU A 190 -11.53 -22.31 -23.24
N HIS A 191 -12.84 -22.30 -22.95
CA HIS A 191 -13.70 -23.33 -23.53
C HIS A 191 -13.91 -23.12 -25.03
N HIS A 192 -13.97 -21.87 -25.48
CA HIS A 192 -14.04 -21.57 -26.91
C HIS A 192 -12.67 -21.67 -27.56
N MET B 1 -10.49 9.39 -5.97
N MET B 1 -8.44 7.70 -4.39
CA MET B 1 -9.52 8.35 -5.62
CA MET B 1 -9.32 8.24 -5.41
C MET B 1 -9.29 7.40 -6.78
C MET B 1 -9.25 7.36 -6.66
N ASN B 2 -8.04 7.22 -7.21
CA ASN B 2 -7.77 6.35 -8.35
C ASN B 2 -8.15 4.90 -8.05
N THR B 3 -8.74 4.21 -9.03
CA THR B 3 -8.99 2.79 -8.87
C THR B 3 -7.69 1.98 -9.00
N LEU B 4 -7.71 0.79 -8.42
CA LEU B 4 -6.54 -0.10 -8.43
C LEU B 4 -6.48 -0.86 -9.75
N SER B 5 -5.86 -0.24 -10.75
CA SER B 5 -5.72 -0.78 -12.09
C SER B 5 -4.67 -1.90 -12.15
N PRO B 6 -4.69 -2.73 -13.20
CA PRO B 6 -3.60 -3.70 -13.37
C PRO B 6 -2.20 -3.07 -13.33
N ARG B 7 -2.02 -1.92 -13.99
CA ARG B 7 -0.72 -1.24 -13.97
C ARG B 7 -0.34 -0.78 -12.56
N LEU B 8 -1.31 -0.20 -11.82
CA LEU B 8 -1.01 0.23 -10.46
C LEU B 8 -0.70 -0.95 -9.54
N ARG B 9 -1.42 -2.07 -9.70
CA ARG B 9 -1.11 -3.27 -8.91
C ARG B 9 0.30 -3.80 -9.26
N LYS B 10 0.67 -3.73 -10.55
CA LYS B 10 2.02 -4.17 -10.91
C LYS B 10 3.08 -3.27 -10.27
N ALA B 11 2.86 -1.95 -10.25
CA ALA B 11 3.80 -1.06 -9.56
C ALA B 11 3.89 -1.38 -8.07
N MET B 12 2.74 -1.60 -7.42
CA MET B 12 2.73 -1.96 -6.00
C MET B 12 3.53 -3.24 -5.76
N ASN B 13 3.33 -4.26 -6.60
CA ASN B 13 4.07 -5.50 -6.43
C ASN B 13 5.56 -5.28 -6.69
N THR B 14 5.89 -4.48 -7.71
CA THR B 14 7.30 -4.20 -8.06
C THR B 14 8.02 -3.48 -6.93
N ALA B 15 7.36 -2.46 -6.36
CA ALA B 15 7.93 -1.70 -5.25
C ALA B 15 8.24 -2.61 -4.07
N ALA B 16 7.30 -3.49 -3.71
CA ALA B 16 7.55 -4.42 -2.61
C ALA B 16 8.70 -5.37 -2.95
N TRP B 17 8.71 -5.89 -4.17
CA TRP B 17 9.73 -6.87 -4.52
C TRP B 17 11.12 -6.22 -4.55
N ALA B 18 11.22 -5.05 -5.20
CA ALA B 18 12.55 -4.46 -5.38
C ALA B 18 13.16 -4.02 -4.06
N HIS B 19 12.33 -3.65 -3.08
CA HIS B 19 12.81 -3.20 -1.78
C HIS B 19 12.68 -4.28 -0.70
N ARG B 20 12.57 -5.55 -1.10
CA ARG B 20 12.25 -6.62 -0.14
C ARG B 20 13.35 -6.80 0.90
N HIS B 21 14.62 -6.47 0.55
CA HIS B 21 15.74 -6.56 1.48
C HIS B 21 16.20 -5.20 1.99
N HIS B 22 15.40 -4.19 1.79
CA HIS B 22 15.70 -2.80 2.09
C HIS B 22 14.92 -2.43 3.34
N VAL B 23 15.57 -1.71 4.26
CA VAL B 23 15.03 -1.45 5.58
C VAL B 23 15.04 0.06 5.84
N ARG B 24 14.01 0.55 6.54
N ARG B 24 14.01 0.55 6.51
CA ARG B 24 14.02 1.94 6.98
CA ARG B 24 14.03 1.94 6.98
C ARG B 24 15.10 2.15 8.03
C ARG B 24 15.14 2.12 8.00
N LYS B 25 15.84 3.25 7.92
CA LYS B 25 16.95 3.49 8.85
C LYS B 25 16.52 3.46 10.30
N GLY B 26 17.37 2.87 11.15
CA GLY B 26 17.15 2.85 12.58
C GLY B 26 16.36 1.66 13.11
N GLY B 27 15.94 0.74 12.25
CA GLY B 27 15.19 -0.41 12.73
C GLY B 27 15.18 -1.54 11.73
N GLY B 28 14.16 -2.37 11.83
CA GLY B 28 14.01 -3.49 10.92
C GLY B 28 12.78 -3.39 10.02
N ILE B 29 12.18 -2.21 9.90
CA ILE B 29 10.92 -2.09 9.15
C ILE B 29 11.21 -2.11 7.66
N PRO B 30 10.56 -2.97 6.87
CA PRO B 30 10.80 -2.97 5.43
C PRO B 30 10.49 -1.61 4.84
N TYR B 31 11.34 -1.20 3.89
CA TYR B 31 11.27 0.13 3.32
C TYR B 31 9.99 0.39 2.54
N VAL B 32 9.35 -0.66 2.02
CA VAL B 32 8.12 -0.45 1.25
C VAL B 32 7.04 0.23 2.08
N SER B 33 7.13 0.15 3.42
CA SER B 33 6.23 0.93 4.27
C SER B 33 6.24 2.40 3.88
N HIS B 34 7.42 2.94 3.63
CA HIS B 34 7.56 4.33 3.21
C HIS B 34 6.99 4.56 1.80
N LEU B 35 7.28 3.66 0.86
CA LEU B 35 6.83 3.85 -0.52
C LEU B 35 5.32 3.82 -0.62
N TYR B 36 4.70 2.84 0.05
N TYR B 36 4.67 2.86 0.05
CA TYR B 36 3.25 2.73 0.11
CA TYR B 36 3.21 2.89 -0.06
C TYR B 36 2.64 3.95 0.77
C TYR B 36 2.61 4.03 0.74
N SER B 37 3.26 4.45 1.84
CA SER B 37 2.78 5.67 2.51
C SER B 37 2.85 6.87 1.56
N VAL B 38 3.90 6.96 0.76
CA VAL B 38 3.99 8.10 -0.17
C VAL B 38 2.91 8.00 -1.23
N MET B 39 2.67 6.79 -1.74
CA MET B 39 1.61 6.62 -2.72
C MET B 39 0.26 6.99 -2.14
N TYR B 40 0.01 6.55 -0.90
CA TYR B 40 -1.25 6.86 -0.24
C TYR B 40 -1.45 8.36 -0.13
N LEU B 41 -0.41 9.07 0.33
CA LEU B 41 -0.47 10.53 0.42
C LEU B 41 -0.73 11.17 -0.96
N LEU B 42 -0.09 10.66 -2.00
CA LEU B 42 -0.31 11.22 -3.33
C LEU B 42 -1.73 10.96 -3.84
N ALA B 43 -2.30 9.79 -3.53
CA ALA B 43 -3.63 9.46 -4.02
C ALA B 43 -4.69 10.44 -3.52
N SER B 44 -4.42 11.16 -2.42
CA SER B 44 -5.43 12.11 -1.99
C SER B 44 -5.37 13.42 -2.76
N VAL B 45 -4.38 13.60 -3.64
CA VAL B 45 -4.21 14.90 -4.28
C VAL B 45 -4.07 14.81 -5.80
N THR B 46 -3.78 13.65 -6.38
CA THR B 46 -3.72 13.56 -7.83
C THR B 46 -4.55 12.40 -8.35
N ASN B 47 -5.01 12.55 -9.58
N ASN B 47 -5.03 12.55 -9.58
CA ASN B 47 -5.62 11.48 -10.36
CA ASN B 47 -5.62 11.47 -10.33
C ASN B 47 -4.65 10.82 -11.32
C ASN B 47 -4.70 10.97 -11.44
N ASP B 48 -3.41 11.29 -11.37
CA ASP B 48 -2.44 10.92 -12.39
C ASP B 48 -1.79 9.61 -12.01
N GLU B 49 -2.18 8.53 -12.66
CA GLU B 49 -1.64 7.23 -12.27
C GLU B 49 -0.12 7.19 -12.43
N ASP B 50 0.45 7.88 -13.44
CA ASP B 50 1.91 7.96 -13.53
C ASP B 50 2.51 8.55 -12.26
N VAL B 51 1.80 9.49 -11.64
CA VAL B 51 2.34 10.14 -10.45
C VAL B 51 2.30 9.19 -9.27
N LEU B 52 1.22 8.41 -9.12
CA LEU B 52 1.19 7.41 -8.07
C LEU B 52 2.31 6.38 -8.25
N ILE B 53 2.50 5.90 -9.49
CA ILE B 53 3.53 4.87 -9.72
C ILE B 53 4.93 5.43 -9.47
N ALA B 54 5.21 6.66 -9.93
CA ALA B 54 6.54 7.22 -9.64
C ALA B 54 6.72 7.44 -8.14
N GLY B 55 5.62 7.75 -7.44
CA GLY B 55 5.67 7.79 -5.98
C GLY B 55 6.09 6.45 -5.37
N LEU B 56 5.49 5.35 -5.85
CA LEU B 56 5.85 4.03 -5.34
C LEU B 56 7.30 3.71 -5.62
N LEU B 57 7.83 4.19 -6.74
CA LEU B 57 9.14 3.78 -7.23
C LEU B 57 10.21 4.86 -7.11
N HIS B 58 9.95 5.94 -6.37
CA HIS B 58 10.84 7.10 -6.45
C HIS B 58 12.19 6.88 -5.81
N ASP B 59 12.34 5.84 -5.00
CA ASP B 59 13.64 5.52 -4.40
C ASP B 59 14.30 4.30 -5.01
N THR B 60 13.71 3.65 -6.01
CA THR B 60 14.30 2.41 -6.51
C THR B 60 15.66 2.66 -7.15
N LEU B 61 15.75 3.68 -8.01
CA LEU B 61 16.98 3.92 -8.73
C LEU B 61 18.09 4.33 -7.78
N GLU B 62 17.76 5.09 -6.74
CA GLU B 62 18.77 5.53 -5.79
C GLU B 62 19.22 4.41 -4.87
N ASP B 63 18.29 3.59 -4.39
CA ASP B 63 18.56 2.69 -3.27
C ASP B 63 18.68 1.22 -3.63
N VAL B 64 17.99 0.74 -4.66
CA VAL B 64 18.13 -0.67 -5.03
C VAL B 64 18.30 -0.87 -6.53
N PRO B 65 19.14 -0.09 -7.23
CA PRO B 65 19.26 -0.28 -8.68
C PRO B 65 19.85 -1.63 -9.08
N GLU B 66 20.47 -2.36 -8.13
CA GLU B 66 20.88 -3.73 -8.41
C GLU B 66 19.68 -4.67 -8.54
N GLU B 67 18.53 -4.32 -7.95
CA GLU B 67 17.32 -5.11 -8.11
C GLU B 67 16.45 -4.64 -9.26
N TYR B 68 16.48 -3.35 -9.56
CA TYR B 68 15.52 -2.73 -10.48
C TYR B 68 16.14 -1.43 -10.97
N ASN B 69 16.61 -1.40 -12.23
CA ASN B 69 17.29 -0.24 -12.80
C ASN B 69 16.36 0.57 -13.71
N SER B 70 16.88 1.67 -14.25
CA SER B 70 16.04 2.57 -15.04
C SER B 70 15.53 1.91 -16.31
N ALA B 71 16.31 1.01 -16.91
CA ALA B 71 15.84 0.33 -18.10
C ALA B 71 14.63 -0.54 -17.78
N GLN B 72 14.68 -1.27 -16.66
CA GLN B 72 13.57 -2.11 -16.27
C GLN B 72 12.36 -1.25 -15.93
N LEU B 73 12.58 -0.16 -15.20
CA LEU B 73 11.52 0.77 -14.87
C LEU B 73 10.78 1.22 -16.12
N GLU B 74 11.53 1.64 -17.15
CA GLU B 74 10.91 2.13 -18.38
C GLU B 74 10.17 1.01 -19.12
N ALA B 75 10.75 -0.18 -19.17
CA ALA B 75 10.11 -1.26 -19.91
C ALA B 75 8.79 -1.67 -19.25
N ASP B 76 8.71 -1.55 -17.92
CA ASP B 76 7.49 -1.90 -17.19
C ASP B 76 6.47 -0.76 -17.20
N PHE B 77 6.91 0.49 -17.05
CA PHE B 77 5.95 1.57 -16.81
C PHE B 77 6.08 2.74 -17.79
N GLY B 78 6.93 2.66 -18.80
CA GLY B 78 6.93 3.69 -19.83
C GLY B 78 7.86 4.86 -19.55
N PRO B 79 8.03 5.76 -20.51
CA PRO B 79 9.04 6.81 -20.38
C PRO B 79 8.66 7.91 -19.40
N ARG B 80 7.38 8.24 -19.28
CA ARG B 80 6.97 9.33 -18.39
C ARG B 80 7.30 9.01 -16.94
N VAL B 81 6.95 7.81 -16.47
CA VAL B 81 7.29 7.43 -15.10
C VAL B 81 8.79 7.38 -14.91
N ARG B 82 9.53 6.92 -15.92
CA ARG B 82 10.97 6.85 -15.76
C ARG B 82 11.58 8.23 -15.63
N GLU B 83 11.04 9.21 -16.38
CA GLU B 83 11.51 10.59 -16.27
C GLU B 83 11.15 11.20 -14.91
N LEU B 84 9.93 10.97 -14.41
CA LEU B 84 9.56 11.47 -13.09
C LEU B 84 10.52 10.92 -12.04
N VAL B 85 10.73 9.60 -12.02
CA VAL B 85 11.62 9.01 -11.04
C VAL B 85 13.04 9.58 -11.19
N GLU B 86 13.47 9.81 -12.44
CA GLU B 86 14.83 10.31 -12.60
C GLU B 86 14.96 11.77 -12.18
N GLU B 87 13.88 12.55 -12.23
CA GLU B 87 13.92 13.91 -11.69
C GLU B 87 14.23 13.92 -10.20
N LEU B 88 13.81 12.88 -9.48
CA LEU B 88 13.92 12.79 -8.02
C LEU B 88 15.15 12.03 -7.55
N THR B 89 15.84 11.33 -8.45
CA THR B 89 17.08 10.62 -8.13
C THR B 89 18.21 11.65 -8.16
N LYS B 90 18.71 12.01 -6.98
CA LYS B 90 19.71 13.06 -6.86
C LYS B 90 21.12 12.49 -6.93
N GLN B 91 22.00 13.22 -7.61
CA GLN B 91 23.37 12.79 -7.83
C GLN B 91 24.14 12.69 -6.53
N PRO B 92 25.27 11.96 -6.53
CA PRO B 92 26.06 11.79 -5.28
C PRO B 92 27.09 12.88 -5.02
N LEU B 93 26.62 14.04 -4.56
CA LEU B 93 27.51 15.07 -4.05
C LEU B 93 27.99 14.70 -2.65
N LYS B 94 29.20 15.16 -2.30
CA LYS B 94 29.82 14.71 -1.07
C LYS B 94 29.25 15.40 0.17
N SER B 95 29.04 16.71 0.12
CA SER B 95 28.65 17.49 1.29
C SER B 95 27.14 17.45 1.49
N TRP B 96 26.70 17.19 2.72
CA TRP B 96 25.26 17.19 3.01
C TRP B 96 24.65 18.51 2.60
N LYS B 97 25.21 19.62 3.08
CA LYS B 97 24.70 20.93 2.68
C LYS B 97 24.66 21.05 1.17
N ALA B 98 25.73 20.60 0.49
CA ALA B 98 25.78 20.73 -0.95
C ALA B 98 24.66 19.94 -1.62
N ARG B 99 24.45 18.68 -1.18
CA ARG B 99 23.33 17.92 -1.72
C ARG B 99 22.00 18.61 -1.43
N ALA B 100 21.83 19.12 -0.21
CA ALA B 100 20.58 19.78 0.14
C ALA B 100 20.35 20.99 -0.74
N ASP B 101 21.37 21.83 -0.91
CA ASP B 101 21.20 23.01 -1.74
C ASP B 101 20.92 22.61 -3.19
N ALA B 102 21.54 21.51 -3.65
CA ALA B 102 21.33 21.11 -5.03
C ALA B 102 19.91 20.59 -5.24
N TYR B 103 19.41 19.81 -4.29
CA TYR B 103 18.01 19.37 -4.33
C TYR B 103 17.07 20.57 -4.30
N LEU B 104 17.30 21.50 -3.38
CA LEU B 104 16.42 22.64 -3.21
C LEU B 104 16.47 23.57 -4.42
N LEU B 105 17.66 23.74 -5.00
CA LEU B 105 17.79 24.52 -6.23
C LEU B 105 16.95 23.89 -7.35
N HIS B 106 17.21 22.61 -7.64
CA HIS B 106 16.40 21.90 -8.62
C HIS B 106 14.90 22.02 -8.33
N LEU B 107 14.52 21.77 -7.07
CA LEU B 107 13.10 21.78 -6.73
C LEU B 107 12.46 23.14 -7.02
N SER B 108 13.20 24.23 -6.80
N SER B 108 13.20 24.23 -6.80
CA SER B 108 12.62 25.56 -6.98
CA SER B 108 12.64 25.56 -6.98
C SER B 108 12.49 25.94 -8.46
C SER B 108 12.48 25.91 -8.46
N ALA B 109 13.39 25.42 -9.31
CA ALA B 109 13.43 25.83 -10.72
C ALA B 109 13.17 24.69 -11.69
N GLY B 110 14.03 23.67 -11.73
CA GLY B 110 14.00 22.73 -12.83
C GLY B 110 12.97 21.62 -12.73
N ALA B 111 12.58 21.23 -11.53
CA ALA B 111 11.73 20.06 -11.36
C ALA B 111 10.33 20.33 -11.91
N SER B 112 9.73 19.30 -12.53
CA SER B 112 8.36 19.42 -12.98
C SER B 112 7.41 19.60 -11.80
N LEU B 113 6.22 20.14 -12.09
CA LEU B 113 5.19 20.20 -11.05
C LEU B 113 4.94 18.82 -10.48
N GLU B 114 4.88 17.79 -11.34
CA GLU B 114 4.69 16.44 -10.85
C GLU B 114 5.81 16.02 -9.89
N ALA B 115 7.05 16.33 -10.25
CA ALA B 115 8.17 15.99 -9.38
C ALA B 115 8.06 16.69 -8.04
N VAL B 116 7.66 17.96 -8.05
CA VAL B 116 7.54 18.69 -6.78
C VAL B 116 6.46 18.07 -5.90
N LEU B 117 5.38 17.57 -6.49
CA LEU B 117 4.32 16.95 -5.70
C LEU B 117 4.84 15.68 -5.03
N ILE B 118 5.49 14.81 -5.79
CA ILE B 118 6.04 13.57 -5.23
C ILE B 118 7.03 13.90 -4.13
N SER B 119 7.90 14.89 -4.37
CA SER B 119 8.91 15.26 -3.39
C SER B 119 8.27 15.77 -2.12
N THR B 120 7.18 16.54 -2.25
CA THR B 120 6.40 16.94 -1.09
C THR B 120 5.89 15.73 -0.32
N ALA B 121 5.30 14.74 -1.01
CA ALA B 121 4.84 13.53 -0.33
C ALA B 121 6.00 12.79 0.33
N ASP B 122 7.11 12.65 -0.40
CA ASP B 122 8.29 11.98 0.13
C ASP B 122 8.74 12.62 1.45
N LYS B 123 8.96 13.93 1.43
CA LYS B 123 9.51 14.61 2.60
C LYS B 123 8.50 14.63 3.72
N LEU B 124 7.22 14.76 3.40
CA LEU B 124 6.18 14.71 4.42
C LEU B 124 6.25 13.40 5.20
N HIS B 125 6.30 12.25 4.50
CA HIS B 125 6.32 10.99 5.24
C HIS B 125 7.61 10.84 6.04
N ASN B 126 8.74 11.29 5.48
CA ASN B 126 9.98 11.21 6.24
C ASN B 126 9.88 12.01 7.54
N LEU B 127 9.31 13.22 7.48
CA LEU B 127 9.15 14.02 8.69
C LEU B 127 8.09 13.42 9.61
N MET B 128 7.01 12.86 9.04
CA MET B 128 6.09 12.12 9.89
C MET B 128 6.83 11.04 10.66
N SER B 129 7.71 10.30 9.96
CA SER B 129 8.43 9.22 10.61
C SER B 129 9.38 9.75 11.69
N ILE B 130 10.03 10.90 11.44
CA ILE B 130 10.93 11.47 12.44
C ILE B 130 10.16 11.80 13.70
N LEU B 131 9.00 12.45 13.54
CA LEU B 131 8.18 12.82 14.68
C LEU B 131 7.71 11.62 15.46
N ASP B 132 7.23 10.57 14.76
CA ASP B 132 6.89 9.33 15.45
C ASP B 132 8.06 8.84 16.27
N ASP B 133 9.25 8.83 15.67
CA ASP B 133 10.44 8.32 16.34
C ASP B 133 10.81 9.17 17.55
N LEU B 134 10.75 10.50 17.42
CA LEU B 134 11.00 11.36 18.57
C LEU B 134 10.04 11.08 19.72
N GLU B 135 8.74 10.93 19.42
CA GLU B 135 7.77 10.66 20.48
C GLU B 135 8.07 9.34 21.16
N ILE B 136 8.46 8.33 20.38
CA ILE B 136 8.71 7.00 20.94
C ILE B 136 10.01 6.98 21.75
N HIS B 137 11.08 7.62 21.24
CA HIS B 137 12.42 7.45 21.78
C HIS B 137 13.03 8.68 22.43
N GLY B 138 12.59 9.87 22.06
CA GLY B 138 13.01 11.06 22.79
C GLY B 138 14.06 11.87 22.08
N GLU B 139 14.50 12.93 22.78
CA GLU B 139 15.41 13.91 22.20
C GLU B 139 16.75 13.32 21.81
N ASP B 140 17.13 12.17 22.37
CA ASP B 140 18.37 11.52 21.97
C ASP B 140 18.34 10.97 20.55
N LEU B 141 17.17 10.96 19.89
CA LEU B 141 17.09 10.45 18.53
C LEU B 141 17.99 11.22 17.57
N TRP B 142 18.20 12.51 17.85
CA TRP B 142 18.96 13.38 16.96
C TRP B 142 20.41 12.91 16.82
N GLN B 143 20.99 12.31 17.86
CA GLN B 143 22.37 11.86 17.77
C GLN B 143 22.57 10.85 16.64
N ARG B 144 21.56 10.03 16.38
CA ARG B 144 21.62 9.14 15.22
C ARG B 144 21.66 9.95 13.92
N LYS B 149 19.38 18.68 14.47
CA LYS B 149 17.98 19.09 14.53
C LYS B 149 17.75 20.41 13.81
N GLU B 150 18.63 21.38 14.05
CA GLU B 150 18.45 22.68 13.41
C GLU B 150 18.61 22.58 11.91
N GLN B 151 19.54 21.74 11.45
CA GLN B 151 19.64 21.41 10.03
C GLN B 151 18.33 20.81 9.52
N GLN B 152 17.74 19.89 10.27
CA GLN B 152 16.53 19.23 9.82
C GLN B 152 15.36 20.20 9.76
N ILE B 153 15.27 21.12 10.73
CA ILE B 153 14.26 22.16 10.74
C ILE B 153 14.37 22.99 9.46
N TRP B 154 15.59 23.40 9.12
CA TRP B 154 15.82 24.19 7.91
C TRP B 154 15.44 23.40 6.67
N TRP B 155 15.86 22.13 6.60
CA TRP B 155 15.59 21.31 5.43
C TRP B 155 14.09 21.23 5.15
N TYR B 156 13.31 20.78 6.14
CA TYR B 156 11.87 20.61 5.91
C TYR B 156 11.16 21.94 5.74
N SER B 157 11.62 23.00 6.43
CA SER B 157 11.08 24.33 6.21
C SER B 157 11.29 24.77 4.76
N GLU B 158 12.47 24.53 4.22
CA GLU B 158 12.75 24.95 2.85
C GLU B 158 11.92 24.15 1.86
N VAL B 159 11.80 22.83 2.05
CA VAL B 159 10.94 22.03 1.18
C VAL B 159 9.50 22.53 1.22
N TYR B 160 9.01 22.84 2.42
CA TYR B 160 7.65 23.34 2.57
C TYR B 160 7.44 24.64 1.81
N GLN B 161 8.38 25.59 1.92
CA GLN B 161 8.18 26.86 1.22
C GLN B 161 8.22 26.68 -0.28
N ILE B 162 9.16 25.87 -0.78
CA ILE B 162 9.26 25.67 -2.23
C ILE B 162 8.03 24.95 -2.74
N SER B 163 7.53 23.97 -2.00
CA SER B 163 6.30 23.30 -2.39
C SER B 163 5.16 24.30 -2.53
N LEU B 164 5.02 25.23 -1.57
CA LEU B 164 3.98 26.23 -1.65
C LEU B 164 4.21 27.14 -2.84
N GLN B 165 5.46 27.52 -3.07
CA GLN B 165 5.76 28.47 -4.14
C GLN B 165 5.46 27.87 -5.51
N ARG B 166 5.73 26.57 -5.69
CA ARG B 166 5.54 25.93 -6.98
C ARG B 166 4.13 25.41 -7.17
N LEU B 167 3.55 24.83 -6.14
CA LEU B 167 2.26 24.17 -6.29
C LEU B 167 1.08 24.98 -5.78
N GLY B 168 1.32 26.03 -5.01
CA GLY B 168 0.24 26.65 -4.25
C GLY B 168 -0.09 25.72 -3.11
N PHE B 169 -1.08 26.12 -2.31
CA PHE B 169 -1.45 25.38 -1.10
C PHE B 169 -2.32 24.18 -1.44
N ASN B 170 -1.95 22.99 -0.96
CA ASN B 170 -2.75 21.79 -1.22
C ASN B 170 -2.72 20.90 0.01
N GLU B 171 -3.38 19.75 -0.08
CA GLU B 171 -3.55 18.87 1.07
C GLU B 171 -2.20 18.30 1.55
N LEU B 172 -1.25 18.11 0.63
CA LEU B 172 0.04 17.52 1.00
C LEU B 172 0.91 18.55 1.69
N ASN B 173 1.07 19.74 1.09
CA ASN B 173 1.98 20.66 1.78
C ASN B 173 1.31 21.26 3.00
N LYS B 174 -0.03 21.23 3.06
CA LYS B 174 -0.74 21.52 4.31
C LYS B 174 -0.19 20.65 5.45
N GLN B 175 -0.17 19.34 5.24
CA GLN B 175 0.28 18.42 6.28
C GLN B 175 1.76 18.59 6.58
N LEU B 176 2.57 18.84 5.54
CA LEU B 176 3.98 19.10 5.78
C LEU B 176 4.15 20.29 6.71
N GLY B 177 3.38 21.35 6.47
CA GLY B 177 3.44 22.49 7.37
C GLY B 177 3.06 22.12 8.79
N LEU B 178 2.00 21.33 8.95
CA LEU B 178 1.63 20.93 10.30
C LEU B 178 2.78 20.16 10.95
N CYS B 179 3.47 19.32 10.18
CA CYS B 179 4.59 18.57 10.75
C CYS B 179 5.77 19.47 11.08
N VAL B 180 6.06 20.44 10.21
CA VAL B 180 7.14 21.40 10.49
C VAL B 180 6.81 22.17 11.76
N GLU B 181 5.53 22.53 11.94
CA GLU B 181 5.12 23.29 13.11
C GLU B 181 5.33 22.50 14.40
N LYS B 182 4.99 21.21 14.38
CA LYS B 182 5.28 20.35 15.53
C LYS B 182 6.78 20.26 15.76
N LEU B 183 7.53 20.04 14.68
CA LEU B 183 8.98 19.98 14.79
C LEU B 183 9.57 21.23 15.43
N LEU B 184 9.00 22.40 15.11
CA LEU B 184 9.51 23.66 15.68
C LEU B 184 9.19 23.75 17.17
N LYS B 185 7.99 23.33 17.58
CA LYS B 185 7.57 23.35 18.99
C LYS B 185 8.49 22.52 19.88
MN MN C . -5.98 -11.66 2.60
O1 PG4 D . -11.81 -20.97 3.21
C1 PG4 D . -11.48 -20.94 1.83
C2 PG4 D . -10.46 -19.89 1.56
O2 PG4 D . -10.60 -19.41 0.23
C3 PG4 D . -9.70 -20.01 -0.70
C4 PG4 D . -10.11 -19.70 -2.11
O3 PG4 D . -9.48 -20.60 -3.01
C5 PG4 D . -10.35 -21.09 -4.03
C6 PG4 D . -10.28 -22.58 -4.15
O4 PG4 D . -8.97 -23.02 -4.45
C7 PG4 D . -8.53 -24.06 -3.57
C8 PG4 D . -7.04 -24.12 -3.63
O5 PG4 D . -6.53 -25.07 -2.71
MN MN E . 11.66 8.56 -0.18
#